data_8H7M
#
_entry.id   8H7M
#
_cell.length_a   67.824
_cell.length_b   97.355
_cell.length_c   91.798
_cell.angle_alpha   90.000
_cell.angle_beta   90.000
_cell.angle_gamma   90.000
#
_symmetry.space_group_name_H-M   'C 2 2 21'
#
loop_
_entity.id
_entity.type
_entity.pdbx_description
1 polymer 'Nanobody 11A'
2 non-polymer parathion
3 water water
#
_entity_poly.entity_id   1
_entity_poly.type   'polypeptide(L)'
_entity_poly.pdbx_seq_one_letter_code
;EVQLVESGGGLVQPGGSLRLSCVGSGRVRTINTAGWYRQAPGQEPEFLARITVGGTTSYADSVKGRFTISRDLAKSTVYL
QMDYLKPEDTAVYYCNADFDFGSRTAWGQGTQVTVSSGQAGQHHHHHHGAYPYDVPDYAS
;
_entity_poly.pdbx_strand_id   A,B
#
# COMPACT_ATOMS: atom_id res chain seq x y z
N GLU A 1 11.18 -4.63 17.06
CA GLU A 1 10.45 -4.75 15.80
C GLU A 1 9.02 -5.25 16.02
N VAL A 2 8.09 -4.65 15.27
CA VAL A 2 6.66 -4.89 15.38
C VAL A 2 6.11 -5.14 13.97
N GLN A 3 5.29 -6.17 13.82
CA GLN A 3 4.59 -6.43 12.57
C GLN A 3 3.09 -6.37 12.80
N LEU A 4 2.37 -5.86 11.79
CA LEU A 4 0.92 -5.71 11.85
C LEU A 4 0.32 -6.44 10.64
N VAL A 5 -0.68 -7.28 10.90
CA VAL A 5 -1.38 -8.00 9.85
C VAL A 5 -2.87 -7.72 9.96
N GLU A 6 -3.49 -7.30 8.86
CA GLU A 6 -4.90 -6.98 8.86
C GLU A 6 -5.72 -8.13 8.29
N SER A 7 -6.97 -8.22 8.75
CA SER A 7 -7.95 -9.14 8.20
C SER A 7 -9.32 -8.50 8.30
N GLY A 8 -10.29 -9.13 7.64
CA GLY A 8 -11.60 -8.55 7.51
C GLY A 8 -11.66 -7.69 6.27
N GLY A 9 -12.85 -7.20 6.00
CA GLY A 9 -13.05 -6.41 4.81
C GLY A 9 -13.78 -7.21 3.75
N GLY A 10 -13.82 -6.62 2.57
CA GLY A 10 -14.54 -7.19 1.46
C GLY A 10 -15.73 -6.34 1.04
N LEU A 11 -16.69 -7.02 0.43
CA LEU A 11 -17.84 -6.37 -0.20
C LEU A 11 -19.02 -6.41 0.77
N VAL A 12 -19.68 -5.27 0.93
CA VAL A 12 -20.81 -5.16 1.86
C VAL A 12 -21.78 -4.15 1.26
N GLN A 13 -23.06 -4.30 1.57
CA GLN A 13 -24.04 -3.37 1.04
C GLN A 13 -24.07 -2.08 1.86
N PRO A 14 -24.52 -0.97 1.26
CA PRO A 14 -24.76 0.25 2.04
C PRO A 14 -25.69 -0.05 3.20
N GLY A 15 -25.40 0.56 4.35
CA GLY A 15 -26.12 0.26 5.56
C GLY A 15 -25.64 -0.99 6.30
N GLY A 16 -24.77 -1.78 5.71
CA GLY A 16 -24.24 -2.96 6.37
C GLY A 16 -23.16 -2.58 7.37
N SER A 17 -22.40 -3.60 7.79
CA SER A 17 -21.35 -3.38 8.76
C SER A 17 -20.26 -4.42 8.57
N LEU A 18 -19.05 -4.08 9.00
CA LEU A 18 -17.89 -4.95 8.91
C LEU A 18 -17.01 -4.67 10.12
N ARG A 19 -16.24 -5.68 10.53
CA ARG A 19 -15.20 -5.47 11.53
C ARG A 19 -13.85 -5.80 10.92
N LEU A 20 -12.89 -4.88 11.05
CA LEU A 20 -11.50 -5.10 10.64
C LEU A 20 -10.65 -5.43 11.85
N SER A 21 -9.67 -6.31 11.67
CA SER A 21 -8.71 -6.65 12.71
C SER A 21 -7.31 -6.23 12.30
N CYS A 22 -6.50 -5.85 13.29
CA CYS A 22 -5.12 -5.43 13.09
C CYS A 22 -4.32 -6.14 14.18
N VAL A 23 -3.70 -7.27 13.81
CA VAL A 23 -3.03 -8.14 14.78
C VAL A 23 -1.55 -7.79 14.82
N GLY A 24 -1.06 -7.49 16.03
CA GLY A 24 0.34 -7.19 16.22
C GLY A 24 1.11 -8.42 16.66
N SER A 25 2.36 -8.50 16.20
CA SER A 25 3.30 -9.52 16.63
C SER A 25 4.66 -8.86 16.85
N GLY A 26 5.56 -9.55 17.53
CA GLY A 26 6.84 -8.96 17.85
C GLY A 26 6.83 -8.30 19.21
N ARG A 27 7.48 -7.14 19.34
CA ARG A 27 7.58 -6.44 20.61
C ARG A 27 6.33 -5.62 20.90
N VAL A 28 5.19 -6.32 21.00
CA VAL A 28 3.91 -5.60 21.05
C VAL A 28 3.78 -4.77 22.33
N ARG A 29 4.48 -5.14 23.41
CA ARG A 29 4.39 -4.36 24.63
C ARG A 29 5.04 -3.00 24.52
N THR A 30 5.82 -2.75 23.46
CA THR A 30 6.38 -1.42 23.23
C THR A 30 5.43 -0.51 22.46
N ILE A 31 4.28 -1.03 22.02
CA ILE A 31 3.30 -0.22 21.30
C ILE A 31 2.67 0.80 22.25
N ASN A 32 2.62 2.06 21.82
CA ASN A 32 1.95 3.12 22.58
C ASN A 32 0.56 3.42 22.07
N THR A 33 0.39 3.50 20.75
CA THR A 33 -0.89 3.83 20.14
C THR A 33 -1.02 3.04 18.86
N ALA A 34 -2.27 2.84 18.44
CA ALA A 34 -2.57 2.24 17.14
C ALA A 34 -3.69 3.03 16.51
N GLY A 35 -3.67 3.13 15.19
CA GLY A 35 -4.64 3.94 14.48
C GLY A 35 -5.10 3.25 13.20
N TRP A 36 -6.24 3.72 12.70
CA TRP A 36 -6.78 3.25 11.43
C TRP A 36 -6.83 4.42 10.46
N TYR A 37 -6.51 4.12 9.22
CA TYR A 37 -6.45 5.08 8.12
C TYR A 37 -7.13 4.43 6.93
N ARG A 38 -7.54 5.24 5.97
CA ARG A 38 -8.05 4.67 4.72
C ARG A 38 -7.60 5.51 3.54
N GLN A 39 -7.57 4.85 2.38
CA GLN A 39 -7.13 5.43 1.11
C GLN A 39 -8.22 5.12 0.10
N ALA A 40 -9.07 6.11 -0.17
CA ALA A 40 -10.16 5.99 -1.11
C ALA A 40 -9.64 6.16 -2.54
N PRO A 41 -10.37 5.67 -3.55
CA PRO A 41 -9.87 5.75 -4.92
C PRO A 41 -9.53 7.18 -5.32
N GLY A 42 -8.30 7.37 -5.81
CA GLY A 42 -7.85 8.65 -6.29
C GLY A 42 -7.43 9.65 -5.24
N GLN A 43 -7.46 9.27 -3.96
CA GLN A 43 -7.15 10.19 -2.88
C GLN A 43 -5.97 9.67 -2.07
N GLU A 44 -5.40 10.56 -1.26
CA GLU A 44 -4.36 10.13 -0.34
C GLU A 44 -4.97 9.54 0.92
N PRO A 45 -4.18 8.80 1.70
CA PRO A 45 -4.72 8.20 2.92
C PRO A 45 -5.13 9.26 3.94
N GLU A 46 -6.17 8.93 4.70
CA GLU A 46 -6.84 9.84 5.63
C GLU A 46 -6.91 9.16 7.00
N PHE A 47 -6.60 9.90 8.05
CA PHE A 47 -6.72 9.38 9.41
C PHE A 47 -8.19 9.18 9.77
N LEU A 48 -8.48 8.07 10.46
CA LEU A 48 -9.83 7.78 10.93
C LEU A 48 -9.96 7.73 12.44
N ALA A 49 -9.08 7.01 13.13
CA ALA A 49 -9.27 6.78 14.56
C ALA A 49 -7.96 6.31 15.19
N ARG A 50 -7.83 6.57 16.48
CA ARG A 50 -6.63 6.21 17.22
C ARG A 50 -7.05 5.67 18.58
N ILE A 51 -6.23 4.80 19.16
CA ILE A 51 -6.49 4.28 20.50
C ILE A 51 -5.15 4.10 21.22
N THR A 52 -5.16 4.39 22.53
CA THR A 52 -3.99 4.21 23.37
C THR A 52 -4.03 2.85 24.06
N VAL A 53 -2.91 2.46 24.65
CA VAL A 53 -2.87 1.22 25.43
C VAL A 53 -3.95 1.24 26.49
N GLY A 54 -4.13 2.38 27.16
CA GLY A 54 -5.16 2.55 28.17
C GLY A 54 -6.57 2.58 27.63
N GLY A 55 -6.74 2.63 26.32
CA GLY A 55 -8.05 2.57 25.72
C GLY A 55 -8.71 3.90 25.40
N THR A 56 -7.98 5.01 25.51
CA THR A 56 -8.53 6.30 25.12
C THR A 56 -8.59 6.40 23.59
N THR A 57 -9.72 6.86 23.07
CA THR A 57 -9.95 6.87 21.63
C THR A 57 -10.13 8.30 21.11
N SER A 58 -9.87 8.46 19.82
CA SER A 58 -10.01 9.73 19.12
C SER A 58 -10.39 9.42 17.68
N TYR A 59 -11.23 10.28 17.08
CA TYR A 59 -11.88 9.96 15.80
C TYR A 59 -11.87 11.17 14.88
N ALA A 60 -11.73 10.91 13.59
CA ALA A 60 -11.99 11.93 12.59
C ALA A 60 -13.48 12.21 12.50
N ASP A 61 -13.83 13.44 12.08
CA ASP A 61 -15.24 13.79 11.95
C ASP A 61 -15.95 12.94 10.91
N SER A 62 -15.23 12.47 9.88
CA SER A 62 -15.88 11.74 8.79
C SER A 62 -16.49 10.42 9.24
N VAL A 63 -16.11 9.90 10.42
CA VAL A 63 -16.57 8.60 10.88
C VAL A 63 -17.07 8.63 12.32
N LYS A 64 -16.95 9.77 13.01
CA LYS A 64 -17.51 9.90 14.35
C LYS A 64 -18.97 9.49 14.36
N GLY A 65 -19.33 8.65 15.33
CA GLY A 65 -20.68 8.16 15.41
C GLY A 65 -21.01 7.00 14.48
N ARG A 66 -20.07 6.56 13.64
CA ARG A 66 -20.31 5.43 12.75
C ARG A 66 -19.30 4.32 12.91
N PHE A 67 -18.03 4.66 13.11
CA PHE A 67 -16.97 3.68 13.31
C PHE A 67 -16.52 3.71 14.77
N THR A 68 -16.11 2.56 15.27
CA THR A 68 -15.57 2.44 16.62
C THR A 68 -14.22 1.74 16.57
N ILE A 69 -13.25 2.24 17.33
CA ILE A 69 -11.96 1.59 17.47
C ILE A 69 -11.85 1.00 18.87
N SER A 70 -11.23 -0.17 18.97
CA SER A 70 -11.05 -0.83 20.25
C SER A 70 -9.80 -1.68 20.18
N ARG A 71 -9.35 -2.16 21.34
CA ARG A 71 -8.18 -3.03 21.35
C ARG A 71 -8.36 -4.12 22.39
N ASP A 72 -7.75 -5.26 22.12
CA ASP A 72 -7.67 -6.38 23.05
C ASP A 72 -6.19 -6.64 23.33
N LEU A 73 -5.73 -6.28 24.53
CA LEU A 73 -4.29 -6.35 24.81
C LEU A 73 -3.80 -7.79 24.82
N ALA A 74 -4.59 -8.70 25.40
CA ALA A 74 -4.18 -10.10 25.45
C ALA A 74 -3.99 -10.69 24.05
N LYS A 75 -4.85 -10.31 23.10
CA LYS A 75 -4.72 -10.78 21.73
C LYS A 75 -3.84 -9.89 20.88
N SER A 76 -3.32 -8.78 21.43
CA SER A 76 -2.49 -7.84 20.67
C SER A 76 -3.17 -7.43 19.36
N THR A 77 -4.46 -7.14 19.44
CA THR A 77 -5.29 -6.89 18.26
C THR A 77 -6.06 -5.59 18.46
N VAL A 78 -6.06 -4.74 17.44
CA VAL A 78 -6.86 -3.52 17.43
C VAL A 78 -7.95 -3.70 16.38
N TYR A 79 -9.14 -3.20 16.66
CA TYR A 79 -10.29 -3.44 15.82
C TYR A 79 -10.83 -2.12 15.29
N LEU A 80 -11.45 -2.18 14.11
CA LEU A 80 -12.27 -1.09 13.62
C LEU A 80 -13.64 -1.66 13.31
N GLN A 81 -14.65 -1.25 14.07
CA GLN A 81 -16.02 -1.67 13.83
C GLN A 81 -16.66 -0.62 12.92
N MET A 82 -16.98 -1.02 11.70
CA MET A 82 -17.42 -0.09 10.65
C MET A 82 -18.92 -0.26 10.43
N ASP A 83 -19.72 0.64 10.97
CA ASP A 83 -21.17 0.56 10.89
C ASP A 83 -21.72 1.71 10.04
N TYR A 84 -23.02 1.65 9.78
CA TYR A 84 -23.71 2.70 9.02
C TYR A 84 -22.98 3.01 7.72
N LEU A 85 -22.62 1.95 7.00
CA LEU A 85 -21.69 2.08 5.89
C LEU A 85 -22.33 2.76 4.68
N LYS A 86 -21.57 3.67 4.06
CA LYS A 86 -21.93 4.45 2.88
C LYS A 86 -21.04 4.07 1.70
N PRO A 87 -21.52 4.21 0.46
CA PRO A 87 -20.63 3.97 -0.69
C PRO A 87 -19.32 4.73 -0.58
N GLU A 88 -19.36 5.94 -0.03
CA GLU A 88 -18.15 6.76 0.11
C GLU A 88 -17.14 6.19 1.09
N ASP A 89 -17.48 5.14 1.84
CA ASP A 89 -16.52 4.49 2.72
C ASP A 89 -15.65 3.48 1.97
N THR A 90 -15.91 3.24 0.68
CA THR A 90 -15.08 2.32 -0.09
C THR A 90 -13.64 2.82 -0.16
N ALA A 91 -12.69 1.96 0.23
CA ALA A 91 -11.29 2.36 0.33
C ALA A 91 -10.47 1.15 0.76
N VAL A 92 -9.15 1.30 0.69
CA VAL A 92 -8.24 0.36 1.34
C VAL A 92 -7.99 0.89 2.75
N TYR A 93 -8.21 0.04 3.75
CA TYR A 93 -8.08 0.42 5.14
C TYR A 93 -6.76 -0.10 5.70
N TYR A 94 -6.02 0.78 6.38
CA TYR A 94 -4.71 0.48 6.94
C TYR A 94 -4.70 0.76 8.42
N CYS A 95 -4.05 -0.11 9.19
CA CYS A 95 -3.75 0.20 10.58
C CYS A 95 -2.28 0.51 10.75
N ASN A 96 -1.96 1.31 11.76
CA ASN A 96 -0.58 1.54 12.10
C ASN A 96 -0.41 1.40 13.61
N ALA A 97 0.84 1.38 14.03
CA ALA A 97 1.16 1.28 15.44
C ALA A 97 2.42 2.08 15.67
N ASP A 98 2.40 2.96 16.67
CA ASP A 98 3.59 3.69 17.10
C ASP A 98 4.16 2.96 18.31
N PHE A 99 5.47 2.73 18.31
CA PHE A 99 6.10 1.94 19.36
C PHE A 99 7.46 2.54 19.69
N ASP A 100 8.12 1.99 20.71
CA ASP A 100 9.38 2.50 21.23
C ASP A 100 9.26 3.97 21.63
N PHE A 101 8.37 4.22 22.59
CA PHE A 101 8.11 5.57 23.08
C PHE A 101 7.69 6.50 21.95
N GLY A 102 6.87 5.98 21.04
CA GLY A 102 6.38 6.77 19.94
C GLY A 102 7.42 7.19 18.93
N SER A 103 8.55 6.50 18.88
CA SER A 103 9.63 6.88 17.98
C SER A 103 9.68 6.06 16.70
N ARG A 104 8.94 4.95 16.62
CA ARG A 104 8.88 4.14 15.41
C ARG A 104 7.43 3.87 15.04
N THR A 105 7.22 3.48 13.79
CA THR A 105 5.88 3.24 13.28
C THR A 105 5.90 2.00 12.39
N ALA A 106 4.90 1.13 12.58
CA ALA A 106 4.67 -0.01 11.71
C ALA A 106 3.29 0.16 11.07
N TRP A 107 3.15 -0.37 9.87
CA TRP A 107 1.90 -0.33 9.11
C TRP A 107 1.46 -1.74 8.73
N GLY A 108 0.15 -1.98 8.77
CA GLY A 108 -0.40 -3.18 8.20
C GLY A 108 -0.41 -3.12 6.68
N GLN A 109 -0.80 -4.24 6.08
CA GLN A 109 -0.72 -4.40 4.62
C GLN A 109 -1.92 -3.81 3.90
N GLY A 110 -2.97 -3.43 4.61
CA GLY A 110 -4.13 -2.92 3.91
C GLY A 110 -5.14 -4.00 3.61
N THR A 111 -6.42 -3.63 3.67
CA THR A 111 -7.50 -4.53 3.31
C THR A 111 -8.60 -3.72 2.62
N GLN A 112 -9.09 -4.25 1.50
CA GLN A 112 -10.08 -3.54 0.70
C GLN A 112 -11.46 -3.66 1.33
N VAL A 113 -12.17 -2.54 1.42
CA VAL A 113 -13.58 -2.52 1.78
C VAL A 113 -14.33 -1.88 0.63
N THR A 114 -15.33 -2.57 0.10
CA THR A 114 -16.15 -2.05 -0.98
C THR A 114 -17.59 -2.03 -0.53
N VAL A 115 -18.19 -0.84 -0.50
CA VAL A 115 -19.57 -0.65 -0.10
C VAL A 115 -20.36 -0.40 -1.37
N SER A 116 -21.16 -1.37 -1.80
CA SER A 116 -21.84 -1.27 -3.08
C SER A 116 -23.11 -2.11 -3.09
N SER A 117 -24.08 -1.65 -3.87
CA SER A 117 -25.32 -2.41 -4.07
C SER A 117 -25.46 -2.86 -5.53
N GLU B 1 -1.43 -9.77 -27.75
CA GLU B 1 -1.73 -8.79 -26.71
C GLU B 1 -1.06 -9.16 -25.38
N VAL B 2 -0.74 -8.11 -24.64
CA VAL B 2 -0.07 -8.19 -23.35
C VAL B 2 -0.80 -7.24 -22.41
N GLN B 3 -1.07 -7.70 -21.18
CA GLN B 3 -1.64 -6.86 -20.13
C GLN B 3 -0.72 -6.87 -18.92
N LEU B 4 -0.76 -5.78 -18.14
CA LEU B 4 0.05 -5.65 -16.93
C LEU B 4 -0.85 -5.32 -15.76
N VAL B 5 -0.66 -6.01 -14.64
CA VAL B 5 -1.40 -5.74 -13.41
C VAL B 5 -0.39 -5.52 -12.28
N GLU B 6 -0.54 -4.41 -11.56
CA GLU B 6 0.37 -4.07 -10.46
C GLU B 6 -0.22 -4.45 -9.12
N SER B 7 0.68 -4.71 -8.17
CA SER B 7 0.32 -4.88 -6.76
C SER B 7 1.52 -4.47 -5.92
N GLY B 8 1.28 -4.33 -4.61
CA GLY B 8 2.36 -4.12 -3.67
C GLY B 8 2.44 -2.74 -3.03
N GLY B 9 1.67 -1.75 -3.48
CA GLY B 9 1.76 -0.44 -2.87
C GLY B 9 1.23 -0.42 -1.43
N GLY B 10 0.97 0.78 -0.95
CA GLY B 10 0.35 0.93 0.36
C GLY B 10 1.13 1.92 1.21
N LEU B 11 1.02 1.75 2.52
CA LEU B 11 1.61 2.66 3.49
C LEU B 11 2.87 2.05 4.08
N VAL B 12 3.87 2.89 4.34
CA VAL B 12 5.12 2.43 4.95
C VAL B 12 5.76 3.62 5.65
N GLN B 13 6.46 3.34 6.74
CA GLN B 13 7.10 4.40 7.49
C GLN B 13 8.37 4.85 6.80
N PRO B 14 8.79 6.10 7.01
CA PRO B 14 10.09 6.55 6.47
C PRO B 14 11.23 5.64 6.92
N GLY B 15 12.13 5.34 5.99
CA GLY B 15 13.19 4.39 6.21
C GLY B 15 12.82 2.95 5.95
N GLY B 16 11.52 2.65 5.78
CA GLY B 16 11.05 1.31 5.54
C GLY B 16 11.19 0.91 4.08
N SER B 17 10.65 -0.26 3.75
CA SER B 17 10.82 -0.82 2.41
CA SER B 17 10.84 -0.84 2.43
C SER B 17 9.50 -1.37 1.91
N LEU B 18 9.39 -1.44 0.59
CA LEU B 18 8.22 -2.02 -0.08
C LEU B 18 8.72 -2.65 -1.37
N ARG B 19 8.06 -3.74 -1.78
CA ARG B 19 8.28 -4.31 -3.09
C ARG B 19 7.02 -4.17 -3.93
N LEU B 20 7.18 -3.63 -5.14
CA LEU B 20 6.08 -3.57 -6.11
C LEU B 20 6.23 -4.70 -7.12
N SER B 21 5.10 -5.17 -7.63
CA SER B 21 5.05 -6.21 -8.65
C SER B 21 4.32 -5.69 -9.87
N CYS B 22 4.84 -6.07 -11.05
CA CYS B 22 4.23 -5.75 -12.35
C CYS B 22 4.09 -7.09 -13.04
N VAL B 23 2.89 -7.66 -13.04
CA VAL B 23 2.66 -9.01 -13.52
C VAL B 23 2.12 -8.95 -14.94
N GLY B 24 2.84 -9.56 -15.86
CA GLY B 24 2.40 -9.60 -17.25
C GLY B 24 1.58 -10.84 -17.55
N SER B 25 0.63 -10.69 -18.47
CA SER B 25 -0.20 -11.80 -18.92
C SER B 25 -0.44 -11.63 -20.41
N GLY B 26 -0.83 -12.74 -21.07
CA GLY B 26 -0.93 -12.76 -22.52
C GLY B 26 0.33 -13.29 -23.16
N ARG B 27 0.76 -12.68 -24.29
CA ARG B 27 1.93 -13.14 -25.03
C ARG B 27 3.20 -12.57 -24.40
N VAL B 28 3.47 -13.01 -23.16
CA VAL B 28 4.54 -12.38 -22.39
C VAL B 28 5.93 -12.62 -22.99
N ARG B 29 6.12 -13.69 -23.77
CA ARG B 29 7.43 -13.90 -24.37
C ARG B 29 7.77 -12.88 -25.44
N THR B 30 6.80 -12.10 -25.90
CA THR B 30 7.09 -11.02 -26.84
C THR B 30 7.54 -9.74 -26.15
N ILE B 31 7.49 -9.67 -24.81
CA ILE B 31 7.92 -8.49 -24.09
C ILE B 31 9.43 -8.32 -24.23
N ASN B 32 9.86 -7.09 -24.48
CA ASN B 32 11.27 -6.74 -24.64
C ASN B 32 11.87 -6.08 -23.41
N THR B 33 11.21 -5.07 -22.88
CA THR B 33 11.70 -4.32 -21.73
C THR B 33 10.51 -3.93 -20.89
N ALA B 34 10.77 -3.59 -19.65
CA ALA B 34 9.72 -3.12 -18.76
C ALA B 34 10.30 -2.02 -17.90
N GLY B 35 9.45 -1.08 -17.51
CA GLY B 35 9.94 0.08 -16.78
C GLY B 35 9.00 0.44 -15.65
N TRP B 36 9.54 1.19 -14.69
CA TRP B 36 8.79 1.75 -13.58
C TRP B 36 8.84 3.27 -13.65
N TYR B 37 7.69 3.88 -13.40
CA TYR B 37 7.48 5.32 -13.40
C TYR B 37 6.72 5.68 -12.14
N ARG B 38 6.79 6.94 -11.76
CA ARG B 38 5.92 7.41 -10.69
C ARG B 38 5.41 8.80 -11.03
N GLN B 39 4.20 9.09 -10.55
CA GLN B 39 3.49 10.31 -10.90
C GLN B 39 3.00 10.99 -9.63
N ALA B 40 3.19 12.30 -9.59
CA ALA B 40 2.74 13.19 -8.53
C ALA B 40 1.73 14.16 -9.12
N PRO B 41 0.96 14.90 -8.30
CA PRO B 41 -0.15 15.69 -8.86
C PRO B 41 0.32 16.74 -9.87
N GLY B 42 -0.48 16.93 -10.92
CA GLY B 42 -0.22 17.97 -11.89
C GLY B 42 1.01 17.76 -12.74
N GLN B 43 1.48 16.52 -12.86
CA GLN B 43 2.69 16.21 -13.60
C GLN B 43 2.52 14.88 -14.31
N GLU B 44 3.33 14.68 -15.33
CA GLU B 44 3.35 13.39 -16.00
C GLU B 44 4.11 12.36 -15.18
N PRO B 45 3.96 11.07 -15.47
CA PRO B 45 4.78 10.06 -14.81
C PRO B 45 6.24 10.27 -15.16
N GLU B 46 7.12 9.98 -14.20
CA GLU B 46 8.54 10.20 -14.37
C GLU B 46 9.30 8.89 -14.26
N PHE B 47 10.29 8.72 -15.13
CA PHE B 47 11.04 7.48 -15.23
C PHE B 47 11.78 7.17 -13.93
N LEU B 48 11.78 5.89 -13.55
CA LEU B 48 12.52 5.40 -12.39
C LEU B 48 13.53 4.32 -12.73
N ALA B 49 13.11 3.28 -13.45
CA ALA B 49 13.98 2.14 -13.71
C ALA B 49 13.47 1.37 -14.91
N ARG B 50 14.39 0.72 -15.61
CA ARG B 50 14.08 -0.11 -16.76
C ARG B 50 14.88 -1.39 -16.68
N ILE B 51 14.32 -2.48 -17.21
CA ILE B 51 15.02 -3.77 -17.24
C ILE B 51 14.69 -4.47 -18.55
N THR B 52 15.69 -5.14 -19.13
CA THR B 52 15.49 -5.93 -20.34
C THR B 52 15.20 -7.39 -19.97
N VAL B 53 14.75 -8.16 -20.97
CA VAL B 53 14.58 -9.59 -20.77
C VAL B 53 15.87 -10.23 -20.27
N GLY B 54 17.02 -9.77 -20.78
CA GLY B 54 18.31 -10.29 -20.34
C GLY B 54 18.69 -9.90 -18.93
N GLY B 55 18.06 -8.86 -18.39
CA GLY B 55 18.30 -8.43 -17.03
C GLY B 55 19.12 -7.16 -16.89
N THR B 56 19.51 -6.52 -17.99
CA THR B 56 20.19 -5.24 -17.94
C THR B 56 19.27 -4.20 -17.31
N THR B 57 19.80 -3.41 -16.39
CA THR B 57 19.01 -2.43 -15.65
C THR B 57 19.55 -1.02 -15.87
N SER B 58 18.66 -0.04 -15.73
CA SER B 58 19.05 1.37 -15.71
C SER B 58 18.10 2.09 -14.76
N TYR B 59 18.59 3.18 -14.15
CA TYR B 59 17.88 3.85 -13.08
C TYR B 59 17.94 5.36 -13.23
N ALA B 60 16.92 6.03 -12.70
CA ALA B 60 17.01 7.47 -12.46
C ALA B 60 17.92 7.73 -11.27
N ASP B 61 18.64 8.86 -11.32
CA ASP B 61 19.54 9.23 -10.23
C ASP B 61 18.82 9.38 -8.91
N SER B 62 17.53 9.75 -8.94
CA SER B 62 16.78 9.95 -7.70
C SER B 62 16.63 8.67 -6.88
N VAL B 63 16.79 7.49 -7.49
CA VAL B 63 16.49 6.25 -6.78
C VAL B 63 17.65 5.25 -6.89
N LYS B 64 18.65 5.56 -7.71
CA LYS B 64 19.80 4.68 -7.87
C LYS B 64 20.47 4.45 -6.52
N GLY B 65 20.76 3.18 -6.22
CA GLY B 65 21.32 2.80 -4.94
C GLY B 65 20.29 2.35 -3.92
N ARG B 66 19.06 2.84 -4.02
CA ARG B 66 17.95 2.51 -3.12
C ARG B 66 16.92 1.60 -3.75
N PHE B 67 16.61 1.78 -5.02
CA PHE B 67 15.60 0.97 -5.69
C PHE B 67 16.30 -0.04 -6.58
N THR B 68 15.75 -1.25 -6.63
CA THR B 68 16.27 -2.29 -7.53
C THR B 68 15.13 -2.78 -8.40
N ILE B 69 15.34 -2.81 -9.71
CA ILE B 69 14.39 -3.46 -10.61
C ILE B 69 14.94 -4.83 -10.96
N SER B 70 14.06 -5.84 -10.96
CA SER B 70 14.43 -7.20 -11.31
C SER B 70 13.25 -7.84 -12.02
N ARG B 71 13.46 -9.03 -12.58
CA ARG B 71 12.35 -9.72 -13.22
C ARG B 71 12.49 -11.22 -13.00
N ASP B 72 11.36 -11.91 -12.94
CA ASP B 72 11.29 -13.37 -12.89
C ASP B 72 10.55 -13.82 -14.14
N LEU B 73 11.30 -14.31 -15.13
CA LEU B 73 10.67 -14.69 -16.40
C LEU B 73 9.63 -15.78 -16.19
N ALA B 74 9.92 -16.77 -15.34
CA ALA B 74 8.98 -17.87 -15.13
C ALA B 74 7.66 -17.39 -14.54
N LYS B 75 7.69 -16.35 -13.73
CA LYS B 75 6.47 -15.79 -13.17
C LYS B 75 5.95 -14.59 -13.97
N SER B 76 6.62 -14.25 -15.08
CA SER B 76 6.24 -13.11 -15.92
C SER B 76 6.03 -11.85 -15.09
N THR B 77 6.88 -11.66 -14.07
CA THR B 77 6.74 -10.55 -13.14
C THR B 77 7.99 -9.70 -13.10
N VAL B 78 7.81 -8.39 -13.13
CA VAL B 78 8.87 -7.42 -12.92
C VAL B 78 8.65 -6.77 -11.56
N TYR B 79 9.72 -6.62 -10.79
CA TYR B 79 9.64 -6.13 -9.42
C TYR B 79 10.38 -4.80 -9.29
N LEU B 80 9.91 -4.00 -8.35
CA LEU B 80 10.64 -2.81 -7.92
C LEU B 80 10.80 -2.92 -6.41
N GLN B 81 12.01 -3.21 -5.96
CA GLN B 81 12.32 -3.29 -4.54
C GLN B 81 12.77 -1.91 -4.09
N MET B 82 12.01 -1.30 -3.17
CA MET B 82 12.20 0.10 -2.80
C MET B 82 12.70 0.12 -1.36
N ASP B 83 13.97 0.43 -1.17
CA ASP B 83 14.55 0.46 0.16
C ASP B 83 14.72 1.92 0.62
N TYR B 84 14.80 2.09 1.94
CA TYR B 84 15.06 3.39 2.56
C TYR B 84 14.13 4.48 2.00
N LEU B 85 12.84 4.18 2.03
CA LEU B 85 11.85 5.08 1.47
C LEU B 85 11.76 6.38 2.28
N LYS B 86 11.51 7.47 1.56
CA LYS B 86 11.39 8.81 2.10
C LYS B 86 9.99 9.35 1.85
N PRO B 87 9.53 10.31 2.66
CA PRO B 87 8.26 10.99 2.34
C PRO B 87 8.14 11.41 0.89
N GLU B 88 9.23 11.90 0.31
CA GLU B 88 9.25 12.39 -1.06
C GLU B 88 9.26 11.27 -2.10
N ASP B 89 9.21 10.00 -1.70
CA ASP B 89 8.93 8.92 -2.64
C ASP B 89 7.43 8.67 -2.79
N THR B 90 6.59 9.43 -2.07
CA THR B 90 5.15 9.24 -2.14
C THR B 90 4.62 9.63 -3.51
N ALA B 91 3.89 8.72 -4.15
CA ALA B 91 3.44 8.93 -5.52
C ALA B 91 2.65 7.71 -5.96
N VAL B 92 2.07 7.80 -7.14
CA VAL B 92 1.44 6.65 -7.79
C VAL B 92 2.45 6.03 -8.73
N TYR B 93 2.72 4.74 -8.56
CA TYR B 93 3.76 4.05 -9.30
C TYR B 93 3.13 3.25 -10.42
N TYR B 94 3.68 3.40 -11.63
CA TYR B 94 3.19 2.75 -12.83
C TYR B 94 4.28 1.88 -13.43
N CYS B 95 3.92 0.72 -13.95
CA CYS B 95 4.86 -0.02 -14.77
C CYS B 95 4.35 -0.02 -16.20
N ASN B 96 5.27 -0.19 -17.13
CA ASN B 96 4.89 -0.37 -18.52
C ASN B 96 5.83 -1.39 -19.13
N ALA B 97 5.51 -1.80 -20.34
CA ALA B 97 6.34 -2.80 -21.01
C ALA B 97 6.15 -2.61 -22.50
N ASP B 98 7.25 -2.72 -23.24
CA ASP B 98 7.12 -2.75 -24.69
C ASP B 98 7.31 -4.18 -25.17
N PHE B 99 6.64 -4.49 -26.28
CA PHE B 99 6.58 -5.88 -26.71
C PHE B 99 6.43 -5.91 -28.22
N ASP B 100 6.62 -7.10 -28.77
CA ASP B 100 6.44 -7.34 -30.20
C ASP B 100 7.45 -6.51 -31.00
N PHE B 101 8.72 -6.87 -30.83
CA PHE B 101 9.83 -6.12 -31.43
C PHE B 101 9.78 -4.65 -31.03
N GLY B 102 9.44 -4.41 -29.76
CA GLY B 102 9.41 -3.04 -29.26
C GLY B 102 8.46 -2.12 -29.99
N SER B 103 7.41 -2.67 -30.61
CA SER B 103 6.48 -1.90 -31.44
C SER B 103 5.15 -1.59 -30.76
N ARG B 104 4.88 -2.16 -29.60
CA ARG B 104 3.67 -1.87 -28.85
C ARG B 104 4.02 -1.62 -27.40
N THR B 105 3.11 -1.01 -26.66
CA THR B 105 3.37 -0.66 -25.27
C THR B 105 2.14 -0.95 -24.45
N ALA B 106 2.33 -1.54 -23.28
CA ALA B 106 1.27 -1.77 -22.31
C ALA B 106 1.61 -1.05 -21.02
N TRP B 107 0.58 -0.61 -20.29
CA TRP B 107 0.74 0.08 -19.02
C TRP B 107 -0.06 -0.62 -17.93
N GLY B 108 0.47 -0.63 -16.70
CA GLY B 108 -0.30 -1.11 -15.57
C GLY B 108 -1.25 -0.04 -15.05
N GLN B 109 -2.09 -0.43 -14.09
CA GLN B 109 -3.15 0.44 -13.61
C GLN B 109 -2.69 1.38 -12.49
N GLY B 110 -1.44 1.25 -12.06
CA GLY B 110 -0.95 2.13 -11.01
C GLY B 110 -1.19 1.56 -9.63
N THR B 111 -0.26 1.84 -8.72
CA THR B 111 -0.43 1.51 -7.30
C THR B 111 0.14 2.64 -6.46
N GLN B 112 -0.62 3.07 -5.46
CA GLN B 112 -0.23 4.23 -4.67
C GLN B 112 0.71 3.81 -3.56
N VAL B 113 1.76 4.61 -3.37
CA VAL B 113 2.77 4.39 -2.33
C VAL B 113 2.79 5.64 -1.48
N THR B 114 2.56 5.50 -0.18
CA THR B 114 2.55 6.63 0.73
C THR B 114 3.54 6.34 1.85
N VAL B 115 4.51 7.23 2.03
CA VAL B 115 5.56 7.07 3.03
C VAL B 115 5.24 8.04 4.16
N SER B 116 4.85 7.52 5.31
CA SER B 116 4.27 8.38 6.33
C SER B 116 4.38 7.71 7.69
N SER B 117 4.51 8.53 8.71
CA SER B 117 4.41 8.06 10.09
C SER B 117 2.98 8.04 10.59
N GLY B 118 2.05 8.65 9.86
CA GLY B 118 0.66 8.68 10.27
C GLY B 118 0.23 10.01 10.85
#